data_6OVN
#
_entry.id   6OVN
#
_cell.length_a   75.188
_cell.length_b   75.188
_cell.length_c   109.380
_cell.angle_alpha   90.000
_cell.angle_beta   90.000
_cell.angle_gamma   90.000
#
_symmetry.space_group_name_H-M   'P 43'
#
loop_
_entity.id
_entity.type
_entity.pdbx_description
1 polymer 'Alpha chain Clone 2 TCR'
2 polymer 'Beta chain Clone 2 TCR'
3 non-polymer 'SODIUM ION'
4 non-polymer GLYCEROL
5 non-polymer 'CHLORIDE ION'
6 water water
#
loop_
_entity_poly.entity_id
_entity_poly.type
_entity_poly.pdbx_seq_one_letter_code
_entity_poly.pdbx_strand_id
1 'polypeptide(L)'
;HMSQQGEEDPQALSIQEGENATMNCSYKTSINNLQWYRQNSGRGLVHLILIRSNEREKHSGRLRVTLDTSKKSSSLLITA
SRAADTASYFCATAAVGGFKTIFGAGTRLFVKANIQNPDPAVYQLRDSKSSDKSVCLFTDFDSQTNVSQSKDSDVYITDK
CVLDMRSMDFKSNSAVAWSNKSDFACANAFNNSIIPEDTFFPSPESS
;
A
2 'polypeptide(L)'
;HMDTEVTQTPKHLVMGMTNKKSLKCEQHMGHRAMYWYKQKAKKPPELMFVYSYEKLSINESVPSRFSPESPNSSLLNLHL
HALQPEDSALYLCASSPLGREGLNTEAFFGQGTRLTVVEDLNKVFPPEVAVFEPSEAEISHTQKATLVCLATGFYPDHVE
LSWWVNGKEVHSGVCTDPQPLKEQPALNDSRYALSSRLRVSATFWQNPRNHFRCQVQFYGLSENDEWTQDRAKPVTQIVS
AEAWGRADG
;
B
#
# COMPACT_ATOMS: atom_id res chain seq x y z
N GLN A 11 17.98 3.51 8.41
CA GLN A 11 17.43 4.23 7.26
C GLN A 11 15.94 4.50 7.45
N ALA A 12 15.60 5.14 8.57
CA ALA A 12 14.23 5.49 8.89
C ALA A 12 14.23 6.89 9.50
N LEU A 13 13.44 7.80 8.94
CA LEU A 13 13.41 9.19 9.36
C LEU A 13 11.96 9.60 9.59
N SER A 14 11.69 10.18 10.75
CA SER A 14 10.32 10.56 11.10
C SER A 14 10.33 12.02 11.53
N ILE A 15 9.51 12.84 10.85
CA ILE A 15 9.46 14.27 11.10
C ILE A 15 8.01 14.71 11.22
N GLN A 16 7.83 15.90 11.78
CA GLN A 16 6.51 16.52 11.83
C GLN A 16 6.26 17.28 10.53
N GLU A 17 5.00 17.28 10.11
CA GLU A 17 4.60 17.99 8.90
C GLU A 17 5.08 19.44 8.93
N GLY A 18 5.72 19.87 7.84
CA GLY A 18 6.29 21.18 7.71
C GLY A 18 7.77 21.27 7.96
N GLU A 19 8.35 20.30 8.67
CA GLU A 19 9.79 20.28 8.92
C GLU A 19 10.55 19.81 7.68
N ASN A 20 11.86 19.98 7.71
CA ASN A 20 12.70 19.57 6.59
C ASN A 20 13.04 18.08 6.67
N ALA A 21 13.26 17.49 5.51
CA ALA A 21 13.67 16.09 5.40
C ALA A 21 14.96 16.04 4.60
N THR A 22 16.00 15.46 5.18
CA THR A 22 17.29 15.28 4.51
C THR A 22 17.61 13.80 4.50
N MET A 23 17.84 13.24 3.32
CA MET A 23 18.19 11.84 3.18
C MET A 23 19.46 11.71 2.37
N ASN A 24 20.24 10.68 2.68
CA ASN A 24 21.53 10.47 2.03
C ASN A 24 21.58 9.11 1.36
N CYS A 25 22.51 8.99 0.42
CA CYS A 25 22.73 7.75 -0.30
C CYS A 25 24.16 7.74 -0.80
N SER A 26 24.67 6.55 -1.07
CA SER A 26 26.00 6.40 -1.61
C SER A 26 25.99 5.33 -2.70
N TYR A 27 26.96 5.42 -3.60
CA TYR A 27 27.08 4.49 -4.72
C TYR A 27 28.54 4.09 -4.87
N LYS A 28 28.77 3.00 -5.61
CA LYS A 28 30.07 2.35 -5.62
C LYS A 28 30.85 2.50 -6.93
N THR A 29 30.20 2.81 -8.04
CA THR A 29 30.86 2.84 -9.34
C THR A 29 30.85 4.25 -9.92
N SER A 30 31.58 4.43 -11.02
CA SER A 30 31.47 5.67 -11.78
C SER A 30 30.09 5.73 -12.44
N ILE A 31 29.58 6.96 -12.60
CA ILE A 31 28.22 7.15 -13.08
C ILE A 31 28.18 8.28 -14.10
N ASN A 32 27.14 8.24 -14.94
CA ASN A 32 26.79 9.41 -15.74
C ASN A 32 25.90 10.38 -14.97
N ASN A 33 24.97 9.84 -14.19
CA ASN A 33 24.05 10.69 -13.42
C ASN A 33 23.48 9.89 -12.27
N LEU A 34 22.93 10.61 -11.30
CA LEU A 34 22.27 10.05 -10.15
C LEU A 34 20.86 10.64 -10.07
N GLN A 35 19.89 9.81 -9.70
CA GLN A 35 18.51 10.24 -9.65
C GLN A 35 17.85 9.72 -8.39
N TRP A 36 17.06 10.57 -7.74
CA TRP A 36 16.29 10.19 -6.58
C TRP A 36 14.88 9.78 -7.00
N TYR A 37 14.36 8.75 -6.32
CA TYR A 37 13.01 8.25 -6.56
C TYR A 37 12.23 8.19 -5.26
N ARG A 38 10.91 8.35 -5.38
CA ARG A 38 9.96 8.20 -4.29
C ARG A 38 9.04 7.01 -4.58
N GLN A 39 8.74 6.20 -3.56
CA GLN A 39 7.85 5.07 -3.72
C GLN A 39 6.86 4.99 -2.57
N ASN A 40 5.58 4.93 -2.92
CA ASN A 40 4.52 4.59 -1.96
C ASN A 40 3.41 3.91 -2.74
N SER A 41 2.38 3.46 -2.03
CA SER A 41 1.24 2.88 -2.72
C SER A 41 0.32 3.95 -3.30
N GLY A 42 0.37 5.17 -2.79
CA GLY A 42 -0.46 6.23 -3.34
C GLY A 42 -0.13 6.56 -4.78
N ARG A 43 1.16 6.60 -5.11
CA ARG A 43 1.59 7.04 -6.44
C ARG A 43 2.62 6.12 -7.10
N GLY A 44 3.00 5.01 -6.48
CA GLY A 44 3.98 4.10 -7.08
C GLY A 44 5.40 4.64 -6.96
N LEU A 45 6.25 4.17 -7.89
CA LEU A 45 7.68 4.51 -7.94
C LEU A 45 7.86 5.65 -8.95
N VAL A 46 8.27 6.82 -8.47
CA VAL A 46 8.23 8.05 -9.27
C VAL A 46 9.61 8.71 -9.26
N HIS A 47 10.08 9.11 -10.45
CA HIS A 47 11.33 9.84 -10.57
C HIS A 47 11.16 11.26 -10.03
N LEU A 48 12.09 11.68 -9.17
CA LEU A 48 11.99 12.98 -8.52
C LEU A 48 12.87 14.05 -9.19
N ILE A 49 14.14 13.73 -9.41
CA ILE A 49 15.08 14.73 -9.89
C ILE A 49 16.30 14.00 -10.42
N LEU A 50 16.97 14.60 -11.40
CA LEU A 50 18.11 14.02 -12.07
C LEU A 50 19.25 15.05 -12.04
N ILE A 51 20.43 14.61 -11.60
CA ILE A 51 21.61 15.47 -11.57
C ILE A 51 22.76 14.74 -12.26
N ARG A 52 23.51 15.47 -13.09
CA ARG A 52 24.60 14.87 -13.84
C ARG A 52 25.87 14.84 -13.00
N SER A 53 26.78 13.93 -13.38
CA SER A 53 28.02 13.75 -12.62
C SER A 53 28.92 14.97 -12.66
N ASN A 54 28.67 15.92 -13.56
CA ASN A 54 29.42 17.16 -13.63
C ASN A 54 28.72 18.32 -12.90
N GLU A 55 27.63 18.04 -12.19
CA GLU A 55 26.93 19.04 -11.41
C GLU A 55 27.13 18.77 -9.92
N ARG A 56 26.87 19.80 -9.11
CA ARG A 56 27.01 19.70 -7.67
C ARG A 56 25.72 19.89 -6.88
N GLU A 57 24.72 20.54 -7.47
CA GLU A 57 23.48 20.83 -6.77
C GLU A 57 22.42 21.21 -7.78
N LYS A 58 21.17 20.86 -7.48
CA LYS A 58 20.05 21.12 -8.39
C LYS A 58 18.80 21.43 -7.59
N HIS A 59 17.96 22.32 -8.13
CA HIS A 59 16.73 22.75 -7.50
C HIS A 59 15.54 22.42 -8.39
N SER A 60 14.44 21.99 -7.77
CA SER A 60 13.19 21.79 -8.49
C SER A 60 12.06 21.76 -7.46
N GLY A 61 11.31 22.85 -7.37
CA GLY A 61 10.23 22.91 -6.40
C GLY A 61 10.76 22.85 -4.99
N ARG A 62 10.16 22.01 -4.16
CA ARG A 62 10.58 21.86 -2.77
C ARG A 62 11.83 21.00 -2.61
N LEU A 63 12.36 20.45 -3.70
CA LEU A 63 13.46 19.51 -3.66
C LEU A 63 14.77 20.18 -4.03
N ARG A 64 15.85 19.80 -3.34
CA ARG A 64 17.19 20.12 -3.80
C ARG A 64 18.10 18.93 -3.55
N VAL A 65 18.84 18.53 -4.57
CA VAL A 65 19.74 17.39 -4.50
C VAL A 65 21.18 17.91 -4.57
N THR A 66 22.05 17.33 -3.76
CA THR A 66 23.48 17.56 -3.88
C THR A 66 24.17 16.29 -4.33
N LEU A 67 25.28 16.47 -5.05
CA LEU A 67 26.09 15.37 -5.55
C LEU A 67 27.54 15.66 -5.22
N ASP A 68 28.18 14.72 -4.50
CA ASP A 68 29.59 14.80 -4.18
C ASP A 68 30.27 13.58 -4.82
N THR A 69 30.66 13.73 -6.09
CA THR A 69 31.36 12.65 -6.79
C THR A 69 32.66 12.26 -6.09
N SER A 70 33.23 13.17 -5.29
CA SER A 70 34.57 12.95 -4.72
C SER A 70 34.60 11.68 -3.86
N LYS A 71 33.57 11.46 -3.04
CA LYS A 71 33.44 10.20 -2.34
C LYS A 71 32.07 9.55 -2.56
N LYS A 72 31.45 9.83 -3.71
CA LYS A 72 30.32 9.05 -4.24
C LYS A 72 29.14 9.02 -3.26
N SER A 73 28.57 10.19 -3.04
CA SER A 73 27.46 10.35 -2.12
C SER A 73 26.52 11.42 -2.66
N SER A 74 25.26 11.33 -2.25
CA SER A 74 24.27 12.33 -2.64
C SER A 74 23.31 12.55 -1.48
N SER A 75 22.81 13.77 -1.37
CA SER A 75 21.82 14.12 -0.36
C SER A 75 20.60 14.71 -1.05
N LEU A 76 19.43 14.35 -0.54
CA LEU A 76 18.18 14.94 -0.99
C LEU A 76 17.55 15.66 0.18
N LEU A 77 17.20 16.93 -0.01
CA LEU A 77 16.53 17.71 1.01
C LEU A 77 15.16 18.10 0.49
N ILE A 78 14.13 17.85 1.29
CA ILE A 78 12.77 18.30 1.05
C ILE A 78 12.47 19.39 2.05
N THR A 79 12.21 20.60 1.56
CA THR A 79 11.76 21.68 2.43
C THR A 79 10.24 21.64 2.56
N ALA A 80 9.74 22.14 3.70
CA ALA A 80 8.32 22.26 3.99
C ALA A 80 7.58 20.95 3.71
N SER A 81 8.00 19.90 4.41
CA SER A 81 7.45 18.57 4.15
C SER A 81 5.97 18.52 4.49
N ARG A 82 5.21 17.82 3.67
CA ARG A 82 3.80 17.58 3.94
C ARG A 82 3.55 16.08 4.07
N ALA A 83 2.35 15.75 4.57
CA ALA A 83 2.03 14.34 4.82
C ALA A 83 2.25 13.48 3.59
N ALA A 84 1.96 14.02 2.40
CA ALA A 84 2.07 13.25 1.17
C ALA A 84 3.51 12.80 0.90
N ASP A 85 4.51 13.46 1.50
CA ASP A 85 5.89 13.07 1.28
C ASP A 85 6.24 11.76 1.98
N THR A 86 5.37 11.22 2.83
CA THR A 86 5.63 9.93 3.46
C THR A 86 5.84 8.89 2.37
N ALA A 87 7.01 8.25 2.39
CA ALA A 87 7.37 7.30 1.35
C ALA A 87 8.73 6.67 1.61
N SER A 88 9.11 5.72 0.77
CA SER A 88 10.48 5.25 0.69
C SER A 88 11.20 6.08 -0.37
N TYR A 89 12.43 6.49 -0.07
CA TYR A 89 13.24 7.23 -1.02
C TYR A 89 14.46 6.40 -1.41
N PHE A 90 14.74 6.34 -2.71
CA PHE A 90 15.84 5.56 -3.23
C PHE A 90 16.65 6.39 -4.21
N CYS A 91 17.97 6.12 -4.22
CA CYS A 91 18.91 6.62 -5.20
C CYS A 91 19.07 5.59 -6.31
N ALA A 92 19.00 6.05 -7.55
CA ALA A 92 19.42 5.22 -8.69
C ALA A 92 20.57 5.91 -9.40
N THR A 93 21.56 5.14 -9.81
CA THR A 93 22.61 5.69 -10.66
C THR A 93 22.51 5.04 -12.03
N ALA A 94 22.93 5.78 -13.05
CA ALA A 94 22.74 5.33 -14.42
C ALA A 94 23.96 5.64 -15.27
N ALA A 95 24.26 4.70 -16.17
CA ALA A 95 25.28 4.86 -17.19
C ALA A 95 24.62 5.24 -18.51
N VAL A 96 25.38 5.94 -19.34
CA VAL A 96 24.95 6.24 -20.71
C VAL A 96 24.48 4.96 -21.40
N GLY A 97 23.33 5.05 -22.06
CA GLY A 97 22.80 3.94 -22.83
C GLY A 97 21.71 3.15 -22.13
N GLY A 98 21.56 3.34 -20.83
CA GLY A 98 20.45 2.79 -20.10
C GLY A 98 20.60 1.36 -19.62
N PHE A 99 21.77 0.74 -19.77
CA PHE A 99 21.86 -0.68 -19.40
C PHE A 99 22.31 -0.92 -17.97
N LYS A 100 22.60 0.11 -17.20
CA LYS A 100 23.04 -0.07 -15.82
C LYS A 100 22.40 1.02 -14.96
N THR A 101 21.08 1.03 -14.90
CA THR A 101 20.34 1.94 -14.03
C THR A 101 19.96 1.16 -12.78
N ILE A 102 20.66 1.44 -11.67
CA ILE A 102 20.72 0.57 -10.51
C ILE A 102 20.33 1.36 -9.27
N PHE A 103 19.46 0.78 -8.44
CA PHE A 103 19.00 1.40 -7.19
C PHE A 103 19.86 0.97 -6.00
N GLY A 104 20.09 1.91 -5.09
CA GLY A 104 20.79 1.64 -3.85
C GLY A 104 19.86 1.64 -2.65
N ALA A 105 20.48 1.54 -1.47
CA ALA A 105 19.72 1.45 -0.23
C ALA A 105 18.80 2.65 -0.05
N GLY A 106 17.59 2.39 0.45
CA GLY A 106 16.58 3.41 0.56
C GLY A 106 16.44 3.92 1.98
N THR A 107 15.66 5.01 2.10
CA THR A 107 15.34 5.61 3.39
C THR A 107 13.83 5.74 3.48
N ARG A 108 13.26 5.27 4.59
CA ARG A 108 11.83 5.39 4.83
C ARG A 108 11.57 6.69 5.57
N LEU A 109 10.67 7.51 5.03
CA LEU A 109 10.37 8.82 5.60
C LEU A 109 8.92 8.83 6.06
N PHE A 110 8.71 9.15 7.34
CA PHE A 110 7.38 9.30 7.91
C PHE A 110 7.20 10.76 8.30
N VAL A 111 6.09 11.36 7.84
CA VAL A 111 5.78 12.75 8.12
C VAL A 111 4.43 12.77 8.81
N LYS A 112 4.42 13.07 10.11
CA LYS A 112 3.19 13.11 10.90
C LYS A 112 2.42 14.39 10.65
N ALA A 113 1.14 14.26 10.32
CA ALA A 113 0.30 15.42 10.06
C ALA A 113 -0.27 15.97 11.37
N ASN A 114 -0.35 17.29 11.46
CA ASN A 114 -0.90 17.90 12.66
CA ASN A 114 -0.90 17.93 12.65
C ASN A 114 -2.41 17.74 12.70
N ILE A 115 -2.93 17.45 13.88
CA ILE A 115 -4.36 17.30 14.12
C ILE A 115 -4.83 18.58 14.80
N GLN A 116 -5.65 19.37 14.11
CA GLN A 116 -6.00 20.69 14.65
C GLN A 116 -7.02 20.59 15.77
N ASN A 117 -7.95 19.64 15.69
CA ASN A 117 -9.02 19.53 16.69
C ASN A 117 -9.06 18.10 17.23
N PRO A 118 -8.16 17.76 18.15
CA PRO A 118 -8.18 16.41 18.71
C PRO A 118 -9.38 16.26 19.64
N ASP A 119 -9.87 15.04 19.71
CA ASP A 119 -11.06 14.70 20.48
C ASP A 119 -11.04 13.20 20.79
N PRO A 120 -9.98 12.68 21.42
CA PRO A 120 -9.82 11.22 21.53
C PRO A 120 -10.99 10.56 22.23
N ALA A 121 -11.44 9.45 21.65
CA ALA A 121 -12.64 8.76 22.14
C ALA A 121 -12.54 7.30 21.73
N VAL A 122 -13.18 6.44 22.51
CA VAL A 122 -13.33 5.02 22.16
C VAL A 122 -14.81 4.73 22.00
N TYR A 123 -15.21 4.18 20.86
CA TYR A 123 -16.60 3.89 20.59
C TYR A 123 -16.78 2.42 20.29
N GLN A 124 -17.94 1.88 20.64
CA GLN A 124 -18.30 0.52 20.25
C GLN A 124 -19.20 0.56 19.03
N LEU A 125 -18.81 -0.15 17.97
CA LEU A 125 -19.67 -0.15 16.79
C LEU A 125 -20.80 -1.16 16.96
N ARG A 126 -21.82 -1.02 16.13
CA ARG A 126 -22.96 -1.92 16.23
C ARG A 126 -22.58 -3.31 15.70
N ASP A 127 -23.04 -4.35 16.39
CA ASP A 127 -22.80 -5.71 15.91
C ASP A 127 -23.40 -5.92 14.52
N SER A 128 -22.72 -6.73 13.70
CA SER A 128 -23.23 -7.08 12.39
C SER A 128 -24.01 -8.39 12.48
N LYS A 129 -25.20 -8.42 11.89
CA LYS A 129 -26.02 -9.62 11.94
C LYS A 129 -25.34 -10.81 11.26
N SER A 130 -24.35 -10.56 10.41
CA SER A 130 -23.66 -11.60 9.67
C SER A 130 -22.28 -11.92 10.25
N SER A 131 -21.97 -11.44 11.45
CA SER A 131 -20.65 -11.60 12.03
C SER A 131 -20.77 -11.87 13.53
N ASP A 132 -19.85 -12.67 14.07
CA ASP A 132 -19.78 -12.91 15.50
C ASP A 132 -18.81 -11.97 16.19
N LYS A 133 -18.29 -10.96 15.50
CA LYS A 133 -17.29 -10.09 16.06
C LYS A 133 -17.89 -8.89 16.77
N SER A 134 -17.24 -8.45 17.84
CA SER A 134 -17.46 -7.15 18.45
CA SER A 134 -17.47 -7.14 18.43
C SER A 134 -16.36 -6.20 18.01
N VAL A 135 -16.71 -4.96 17.63
CA VAL A 135 -15.75 -4.07 17.00
C VAL A 135 -15.71 -2.74 17.74
N CYS A 136 -14.48 -2.26 18.03
CA CYS A 136 -14.25 -1.03 18.79
C CYS A 136 -13.43 -0.07 17.95
N LEU A 137 -13.68 1.23 18.13
CA LEU A 137 -12.98 2.26 17.35
C LEU A 137 -12.35 3.26 18.32
N PHE A 138 -11.03 3.44 18.20
CA PHE A 138 -10.29 4.49 18.91
C PHE A 138 -10.00 5.59 17.90
N THR A 139 -10.53 6.79 18.14
CA THR A 139 -10.50 7.77 17.05
C THR A 139 -10.26 9.17 17.59
N ASP A 140 -9.79 10.04 16.70
CA ASP A 140 -9.67 11.49 16.92
C ASP A 140 -8.55 11.87 17.88
N PHE A 141 -7.56 10.98 18.08
CA PHE A 141 -6.42 11.30 18.91
C PHE A 141 -5.36 12.04 18.09
N ASP A 142 -4.50 12.79 18.79
CA ASP A 142 -3.54 13.60 18.04
C ASP A 142 -2.38 12.73 17.58
N SER A 143 -1.50 13.33 16.78
CA SER A 143 -0.52 12.46 16.14
CA SER A 143 -0.42 12.61 16.11
C SER A 143 0.62 12.06 17.07
N GLN A 144 0.63 12.54 18.31
CA GLN A 144 1.58 12.06 19.31
C GLN A 144 1.22 10.69 19.89
N THR A 145 0.03 10.16 19.62
CA THR A 145 -0.40 8.90 20.23
C THR A 145 0.01 7.72 19.34
N ASN A 146 0.59 6.69 19.98
CA ASN A 146 0.93 5.45 19.31
C ASN A 146 -0.02 4.35 19.75
N VAL A 147 -0.45 3.52 18.80
CA VAL A 147 -1.39 2.45 19.09
C VAL A 147 -0.63 1.14 19.21
N SER A 148 -0.67 0.54 20.39
CA SER A 148 0.06 -0.69 20.62
CA SER A 148 0.05 -0.70 20.64
C SER A 148 -0.70 -1.88 20.05
N GLN A 149 0.06 -2.86 19.57
CA GLN A 149 -0.52 -4.06 18.99
C GLN A 149 -1.23 -4.88 20.07
N SER A 150 -2.03 -5.83 19.61
CA SER A 150 -2.72 -6.72 20.53
C SER A 150 -1.73 -7.61 21.28
N LYS A 151 -1.97 -7.80 22.57
CA LYS A 151 -1.20 -8.71 23.40
C LYS A 151 -1.95 -9.99 23.70
N ASP A 152 -3.09 -10.23 23.04
CA ASP A 152 -3.88 -11.44 23.25
C ASP A 152 -4.16 -12.10 21.91
N SER A 153 -4.26 -13.44 21.94
CA SER A 153 -4.22 -14.23 20.72
C SER A 153 -5.38 -13.89 19.80
N ASP A 154 -6.60 -13.92 20.34
CA ASP A 154 -7.79 -13.78 19.51
C ASP A 154 -8.33 -12.35 19.52
N VAL A 155 -7.47 -11.36 19.75
CA VAL A 155 -7.84 -9.95 19.73
C VAL A 155 -6.96 -9.27 18.69
N TYR A 156 -7.58 -8.50 17.81
CA TYR A 156 -6.88 -7.87 16.69
C TYR A 156 -6.99 -6.36 16.82
N ILE A 157 -5.85 -5.68 16.70
CA ILE A 157 -5.81 -4.22 16.79
C ILE A 157 -5.01 -3.70 15.61
N THR A 158 -5.62 -2.81 14.82
CA THR A 158 -4.92 -2.22 13.69
C THR A 158 -3.99 -1.10 14.15
N ASP A 159 -3.09 -0.70 13.27
CA ASP A 159 -2.35 0.52 13.49
C ASP A 159 -3.23 1.72 13.17
N LYS A 160 -2.73 2.92 13.46
CA LYS A 160 -3.53 4.09 13.16
C LYS A 160 -3.54 4.37 11.65
N CYS A 161 -4.65 4.93 11.20
CA CYS A 161 -4.93 5.28 9.82
C CYS A 161 -5.37 6.74 9.83
N VAL A 162 -4.78 7.57 8.98
CA VAL A 162 -5.16 8.99 8.92
C VAL A 162 -6.21 9.19 7.85
N LEU A 163 -7.35 9.70 8.26
CA LEU A 163 -8.52 9.82 7.39
CA LEU A 163 -8.53 9.82 7.42
C LEU A 163 -8.81 11.29 7.13
N ASP A 164 -8.98 11.64 5.85
CA ASP A 164 -9.21 13.02 5.44
C ASP A 164 -10.67 13.19 5.00
N MET A 165 -11.48 13.80 5.87
CA MET A 165 -12.84 14.20 5.50
C MET A 165 -12.75 15.52 4.76
N ARG A 166 -12.54 15.43 3.44
CA ARG A 166 -12.37 16.64 2.63
C ARG A 166 -13.61 17.51 2.63
N SER A 167 -14.78 16.93 2.90
CA SER A 167 -16.02 17.70 2.93
C SER A 167 -16.02 18.73 4.05
N MET A 168 -15.29 18.47 5.12
CA MET A 168 -15.24 19.37 6.28
C MET A 168 -13.85 19.89 6.56
N ASP A 169 -12.88 19.67 5.66
CA ASP A 169 -11.49 20.02 5.89
C ASP A 169 -11.02 19.50 7.26
N PHE A 170 -11.24 18.22 7.50
CA PHE A 170 -11.09 17.62 8.82
C PHE A 170 -10.29 16.33 8.70
N LYS A 171 -9.13 16.28 9.36
CA LYS A 171 -8.31 15.07 9.41
C LYS A 171 -8.43 14.40 10.77
N SER A 172 -8.48 13.07 10.77
CA SER A 172 -8.56 12.35 12.05
C SER A 172 -7.83 11.01 11.95
N ASN A 173 -7.20 10.65 13.06
CA ASN A 173 -6.54 9.36 13.24
C ASN A 173 -7.53 8.35 13.81
N SER A 174 -7.39 7.08 13.42
CA SER A 174 -8.19 6.06 14.09
C SER A 174 -7.52 4.71 14.01
N ALA A 175 -7.87 3.85 14.97
CA ALA A 175 -7.47 2.45 15.00
C ALA A 175 -8.68 1.60 15.37
N VAL A 176 -8.69 0.35 14.92
CA VAL A 176 -9.82 -0.55 15.09
C VAL A 176 -9.36 -1.75 15.90
N ALA A 177 -10.21 -2.25 16.79
CA ALA A 177 -9.93 -3.47 17.52
C ALA A 177 -11.16 -4.37 17.46
N TRP A 178 -10.93 -5.68 17.39
CA TRP A 178 -12.08 -6.59 17.34
C TRP A 178 -11.68 -7.97 17.85
N SER A 179 -12.70 -8.73 18.21
CA SER A 179 -12.55 -10.08 18.71
C SER A 179 -13.92 -10.73 18.73
N ASN A 180 -13.97 -12.05 18.59
CA ASN A 180 -15.22 -12.77 18.81
C ASN A 180 -15.29 -13.42 20.18
N LYS A 181 -14.31 -13.14 21.05
CA LYS A 181 -14.28 -13.75 22.38
C LYS A 181 -15.27 -13.07 23.31
N SER A 182 -15.90 -13.86 24.18
CA SER A 182 -16.93 -13.30 25.03
C SER A 182 -16.37 -12.36 26.11
N ASP A 183 -15.08 -12.44 26.45
CA ASP A 183 -14.52 -11.57 27.46
C ASP A 183 -13.87 -10.30 26.88
N PHE A 184 -13.99 -10.08 25.58
CA PHE A 184 -13.48 -8.87 24.96
C PHE A 184 -14.41 -7.69 25.28
N ALA A 185 -13.83 -6.54 25.58
CA ALA A 185 -14.63 -5.37 25.93
C ALA A 185 -14.01 -4.12 25.30
N CYS A 186 -14.84 -3.31 24.65
CA CYS A 186 -14.33 -2.06 24.09
C CYS A 186 -13.74 -1.18 25.17
N ALA A 187 -14.30 -1.25 26.38
CA ALA A 187 -13.92 -0.37 27.47
C ALA A 187 -12.43 -0.48 27.83
N ASN A 188 -11.80 -1.65 27.60
CA ASN A 188 -10.36 -1.72 27.83
C ASN A 188 -9.58 -2.32 26.66
N ALA A 189 -10.19 -2.41 25.48
CA ALA A 189 -9.55 -2.99 24.30
C ALA A 189 -8.20 -2.33 23.98
N PHE A 190 -8.10 -1.02 24.18
CA PHE A 190 -6.91 -0.29 23.79
C PHE A 190 -5.99 0.02 24.97
N ASN A 191 -6.20 -0.62 26.13
CA ASN A 191 -5.48 -0.21 27.33
C ASN A 191 -3.98 -0.54 27.28
N ASN A 192 -3.54 -1.45 26.40
CA ASN A 192 -2.11 -1.66 26.23
C ASN A 192 -1.43 -0.46 25.57
N SER A 193 -2.21 0.48 25.04
CA SER A 193 -1.66 1.73 24.55
C SER A 193 -1.57 2.72 25.70
N ILE A 194 -0.80 3.78 25.50
CA ILE A 194 -0.88 4.93 26.38
C ILE A 194 -2.06 5.77 25.91
N ILE A 195 -3.13 5.78 26.71
CA ILE A 195 -4.38 6.44 26.38
C ILE A 195 -4.31 7.89 26.86
N PRO A 196 -4.57 8.90 26.01
CA PRO A 196 -4.60 10.27 26.49
C PRO A 196 -5.57 10.40 27.67
N GLU A 197 -5.19 11.22 28.66
CA GLU A 197 -6.04 11.33 29.83
C GLU A 197 -7.40 11.94 29.50
N ASP A 198 -7.50 12.68 28.41
CA ASP A 198 -8.77 13.26 28.00
C ASP A 198 -9.55 12.36 27.03
N THR A 199 -9.32 11.05 27.06
CA THR A 199 -10.06 10.15 26.18
C THR A 199 -11.49 10.01 26.66
N PHE A 200 -12.45 10.16 25.74
CA PHE A 200 -13.87 10.11 26.02
C PHE A 200 -14.38 8.68 25.88
N PHE A 201 -15.04 8.17 26.92
CA PHE A 201 -15.62 6.82 26.92
C PHE A 201 -17.12 6.95 27.16
N PRO A 202 -17.89 7.29 26.11
CA PRO A 202 -19.28 7.68 26.35
C PRO A 202 -20.14 6.58 26.93
N SER A 203 -20.97 7.00 27.87
CA SER A 203 -22.05 6.20 28.38
C SER A 203 -22.87 5.62 27.21
N PRO A 204 -23.17 4.33 27.23
CA PRO A 204 -23.81 3.63 26.10
C PRO A 204 -25.32 3.82 26.04
N ASP B 3 -2.54 8.10 -14.20
CA ASP B 3 -1.65 7.53 -13.21
C ASP B 3 -0.23 7.40 -13.77
N THR B 4 -0.07 6.51 -14.74
CA THR B 4 1.22 6.30 -15.39
C THR B 4 1.00 5.97 -16.85
N GLU B 5 1.97 6.36 -17.68
CA GLU B 5 1.94 6.03 -19.09
C GLU B 5 2.63 4.71 -19.41
N VAL B 6 3.15 4.02 -18.41
CA VAL B 6 3.67 2.66 -18.56
C VAL B 6 2.58 1.73 -18.04
N THR B 7 1.99 0.93 -18.92
CA THR B 7 0.83 0.12 -18.59
C THR B 7 1.26 -1.31 -18.30
N GLN B 8 1.18 -1.68 -17.03
CA GLN B 8 1.64 -2.98 -16.55
C GLN B 8 0.46 -3.72 -15.94
N THR B 9 0.25 -4.96 -16.35
CA THR B 9 -0.82 -5.78 -15.77
C THR B 9 -0.27 -7.18 -15.54
N PRO B 10 -0.83 -7.91 -14.55
CA PRO B 10 -1.87 -7.49 -13.60
C PRO B 10 -1.28 -6.80 -12.39
N LYS B 11 -2.10 -6.04 -11.66
CA LYS B 11 -1.60 -5.41 -10.43
C LYS B 11 -1.23 -6.46 -9.38
N HIS B 12 -1.97 -7.56 -9.34
CA HIS B 12 -1.75 -8.61 -8.36
C HIS B 12 -1.76 -9.94 -9.07
N LEU B 13 -0.99 -10.89 -8.55
CA LEU B 13 -0.98 -12.23 -9.15
C LEU B 13 -0.61 -13.28 -8.13
N VAL B 14 -1.42 -14.34 -8.04
CA VAL B 14 -1.14 -15.50 -7.20
C VAL B 14 -0.95 -16.68 -8.13
N MET B 15 0.13 -17.42 -7.93
CA MET B 15 0.33 -18.57 -8.81
C MET B 15 0.96 -19.71 -8.06
N GLY B 16 0.73 -20.92 -8.58
CA GLY B 16 1.41 -22.10 -8.12
C GLY B 16 2.71 -22.29 -8.86
N MET B 17 3.43 -23.33 -8.47
CA MET B 17 4.75 -23.60 -9.02
C MET B 17 4.72 -24.19 -10.43
N THR B 18 3.54 -24.49 -10.97
CA THR B 18 3.45 -25.09 -12.30
C THR B 18 2.64 -24.25 -13.29
N ASN B 19 2.10 -23.12 -12.88
CA ASN B 19 1.35 -22.29 -13.81
C ASN B 19 2.30 -21.53 -14.74
N LYS B 20 1.77 -21.16 -15.91
CA LYS B 20 2.45 -20.28 -16.85
C LYS B 20 1.62 -19.02 -17.01
N LYS B 21 2.26 -17.87 -16.84
CA LYS B 21 1.54 -16.60 -16.91
C LYS B 21 2.46 -15.52 -17.43
N SER B 22 1.87 -14.52 -18.07
CA SER B 22 2.61 -13.41 -18.64
C SER B 22 2.37 -12.15 -17.81
N LEU B 23 3.43 -11.40 -17.58
CA LEU B 23 3.31 -10.04 -17.08
C LEU B 23 3.44 -9.11 -18.27
N LYS B 24 2.40 -8.33 -18.52
CA LYS B 24 2.37 -7.46 -19.69
C LYS B 24 2.88 -6.07 -19.32
N CYS B 25 3.70 -5.50 -20.18
CA CYS B 25 4.16 -4.13 -20.00
C CYS B 25 4.25 -3.42 -21.34
N GLU B 26 3.57 -2.28 -21.43
CA GLU B 26 3.43 -1.56 -22.68
C GLU B 26 3.56 -0.06 -22.44
N GLN B 27 4.28 0.61 -23.33
CA GLN B 27 4.31 2.07 -23.33
C GLN B 27 4.28 2.57 -24.77
N HIS B 28 3.56 3.66 -24.99
CA HIS B 28 3.44 4.28 -26.30
C HIS B 28 4.10 5.65 -26.34
N MET B 29 5.11 5.85 -25.50
CA MET B 29 5.85 7.11 -25.48
C MET B 29 7.04 7.11 -26.43
N GLY B 30 7.21 6.05 -27.23
CA GLY B 30 8.37 5.97 -28.10
C GLY B 30 9.68 5.75 -27.37
N HIS B 31 9.63 5.33 -26.10
CA HIS B 31 10.85 5.14 -25.36
C HIS B 31 11.67 4.01 -25.96
N ARG B 32 13.00 4.10 -25.82
CA ARG B 32 13.91 3.18 -26.49
C ARG B 32 14.56 2.18 -25.55
N ALA B 33 14.28 2.23 -24.25
CA ALA B 33 14.71 1.16 -23.37
C ALA B 33 13.55 0.82 -22.44
N MET B 34 13.38 -0.48 -22.16
CA MET B 34 12.39 -0.96 -21.21
C MET B 34 13.08 -1.91 -20.23
N TYR B 35 12.49 -2.07 -19.06
CA TYR B 35 13.16 -2.62 -17.88
C TYR B 35 12.23 -3.52 -17.11
N TRP B 36 12.81 -4.53 -16.45
CA TRP B 36 12.13 -5.22 -15.36
C TRP B 36 13.02 -5.21 -14.13
N TYR B 37 12.44 -4.83 -13.01
CA TYR B 37 13.04 -4.90 -11.68
C TYR B 37 12.21 -5.79 -10.80
N LYS B 38 12.82 -6.41 -9.80
CA LYS B 38 12.04 -7.05 -8.75
C LYS B 38 12.44 -6.46 -7.40
N GLN B 39 11.49 -6.48 -6.48
CA GLN B 39 11.68 -5.83 -5.19
C GLN B 39 11.08 -6.70 -4.10
N LYS B 40 11.93 -7.15 -3.19
CA LYS B 40 11.47 -7.84 -1.99
C LYS B 40 11.18 -6.80 -0.91
N ALA B 41 10.25 -7.15 -0.02
CA ALA B 41 9.79 -6.20 0.98
C ALA B 41 10.96 -5.55 1.72
N LYS B 42 10.92 -4.22 1.78
CA LYS B 42 11.92 -3.42 2.50
C LYS B 42 13.33 -3.61 1.92
N LYS B 43 13.42 -3.59 0.59
CA LYS B 43 14.70 -3.60 -0.11
C LYS B 43 14.55 -2.76 -1.35
N PRO B 44 15.65 -2.33 -1.97
CA PRO B 44 15.55 -1.55 -3.20
C PRO B 44 15.18 -2.44 -4.38
N PRO B 45 14.60 -1.87 -5.44
CA PRO B 45 14.40 -2.66 -6.67
C PRO B 45 15.71 -3.21 -7.19
N GLU B 46 15.67 -4.45 -7.65
CA GLU B 46 16.85 -5.14 -8.16
C GLU B 46 16.66 -5.38 -9.65
N LEU B 47 17.62 -4.95 -10.46
CA LEU B 47 17.45 -4.99 -11.90
C LEU B 47 17.45 -6.43 -12.39
N MET B 48 16.47 -6.79 -13.22
CA MET B 48 16.40 -8.11 -13.85
C MET B 48 16.79 -8.09 -15.31
N PHE B 49 16.16 -7.23 -16.11
CA PHE B 49 16.33 -7.24 -17.55
C PHE B 49 16.25 -5.81 -18.08
N VAL B 50 17.01 -5.53 -19.12
CA VAL B 50 16.84 -4.33 -19.93
C VAL B 50 16.69 -4.78 -21.38
N TYR B 51 15.84 -4.08 -22.13
CA TYR B 51 15.72 -4.34 -23.56
C TYR B 51 15.83 -3.01 -24.29
N SER B 52 16.76 -2.90 -25.24
CA SER B 52 16.93 -1.64 -25.92
C SER B 52 17.69 -1.89 -27.22
N TYR B 53 17.15 -1.36 -28.31
CA TYR B 53 17.78 -1.48 -29.62
C TYR B 53 18.17 -2.91 -29.93
N GLU B 54 17.16 -3.79 -29.84
CA GLU B 54 17.18 -5.18 -30.25
C GLU B 54 17.91 -6.06 -29.25
N LYS B 55 18.45 -5.52 -28.16
CA LYS B 55 19.32 -6.28 -27.26
C LYS B 55 18.65 -6.45 -25.90
N LEU B 56 18.54 -7.70 -25.48
CA LEU B 56 18.15 -8.02 -24.12
C LEU B 56 19.40 -8.13 -23.26
N SER B 57 19.48 -7.33 -22.21
CA SER B 57 20.55 -7.45 -21.21
C SER B 57 20.01 -8.22 -20.01
N ILE B 58 20.79 -9.17 -19.51
CA ILE B 58 20.34 -10.07 -18.45
C ILE B 58 21.12 -9.77 -17.18
N ASN B 59 20.39 -9.45 -16.12
CA ASN B 59 20.94 -9.34 -14.79
C ASN B 59 20.35 -10.37 -13.84
N GLU B 60 19.43 -11.20 -14.32
CA GLU B 60 18.71 -12.16 -13.50
C GLU B 60 19.42 -13.51 -13.56
N SER B 61 19.58 -14.15 -12.40
CA SER B 61 20.32 -15.39 -12.35
CA SER B 61 20.32 -15.39 -12.33
C SER B 61 19.56 -16.56 -12.97
N VAL B 62 18.23 -16.51 -13.01
CA VAL B 62 17.53 -17.64 -13.62
C VAL B 62 16.63 -17.15 -14.75
N PRO B 63 17.19 -16.73 -15.89
CA PRO B 63 16.36 -16.01 -16.87
C PRO B 63 15.29 -16.88 -17.50
N SER B 64 15.49 -18.22 -17.51
CA SER B 64 14.52 -19.12 -18.10
C SER B 64 13.19 -19.13 -17.36
N ARG B 65 13.18 -18.74 -16.07
CA ARG B 65 11.93 -18.62 -15.34
C ARG B 65 11.08 -17.45 -15.81
N PHE B 66 11.69 -16.48 -16.50
CA PHE B 66 11.02 -15.24 -16.84
C PHE B 66 10.90 -14.96 -18.32
N SER B 67 11.70 -15.61 -19.17
CA SER B 67 11.69 -15.55 -20.63
C SER B 67 11.12 -14.25 -21.16
N PRO B 68 11.83 -13.13 -21.02
CA PRO B 68 11.30 -11.85 -21.53
C PRO B 68 11.17 -11.87 -23.04
N GLU B 69 10.20 -11.12 -23.54
CA GLU B 69 9.96 -11.03 -24.98
C GLU B 69 9.51 -9.61 -25.31
N SER B 70 10.03 -9.08 -26.41
CA SER B 70 9.65 -7.75 -26.88
C SER B 70 9.28 -7.85 -28.35
N PRO B 71 8.00 -8.01 -28.67
CA PRO B 71 7.60 -8.01 -30.09
C PRO B 71 7.94 -6.72 -30.81
N ASN B 72 7.90 -5.59 -30.10
CA ASN B 72 8.38 -4.33 -30.65
C ASN B 72 8.88 -3.47 -29.49
N SER B 73 9.44 -2.31 -29.83
CA SER B 73 10.04 -1.43 -28.83
C SER B 73 9.02 -0.88 -27.84
N SER B 74 7.73 -1.11 -28.05
CA SER B 74 6.71 -0.65 -27.13
C SER B 74 6.33 -1.70 -26.09
N LEU B 75 6.82 -2.92 -26.21
CA LEU B 75 6.42 -4.01 -25.32
C LEU B 75 7.64 -4.71 -24.74
N LEU B 76 7.55 -5.08 -23.47
CA LEU B 76 8.54 -5.97 -22.85
C LEU B 76 7.76 -6.82 -21.85
N ASN B 77 7.39 -8.02 -22.25
CA ASN B 77 6.56 -8.89 -21.44
C ASN B 77 7.42 -9.98 -20.81
N LEU B 78 7.05 -10.40 -19.61
CA LEU B 78 7.68 -11.53 -18.95
C LEU B 78 6.78 -12.74 -19.09
N HIS B 79 7.38 -13.89 -19.37
CA HIS B 79 6.64 -15.16 -19.47
C HIS B 79 7.11 -16.04 -18.31
N LEU B 80 6.28 -16.15 -17.27
CA LEU B 80 6.67 -16.84 -16.06
C LEU B 80 6.43 -18.33 -16.20
N HIS B 81 7.39 -19.12 -15.75
CA HIS B 81 7.20 -20.57 -15.71
C HIS B 81 8.13 -21.14 -14.64
N ALA B 82 7.64 -22.17 -13.95
CA ALA B 82 8.45 -22.93 -12.99
C ALA B 82 9.02 -22.04 -11.89
N LEU B 83 8.19 -21.14 -11.35
CA LEU B 83 8.64 -20.27 -10.28
C LEU B 83 8.68 -21.02 -8.95
N GLN B 84 9.49 -20.50 -8.03
CA GLN B 84 9.60 -20.95 -6.66
C GLN B 84 8.97 -19.91 -5.74
N PRO B 85 8.63 -20.29 -4.50
CA PRO B 85 8.02 -19.30 -3.59
C PRO B 85 8.92 -18.12 -3.33
N GLU B 86 10.24 -18.31 -3.38
CA GLU B 86 11.15 -17.19 -3.17
C GLU B 86 11.09 -16.17 -4.30
N ASP B 87 10.43 -16.49 -5.41
CA ASP B 87 10.20 -15.53 -6.48
C ASP B 87 9.05 -14.58 -6.18
N SER B 88 8.36 -14.78 -5.06
CA SER B 88 7.35 -13.82 -4.63
C SER B 88 8.00 -12.48 -4.40
N ALA B 89 7.46 -11.44 -5.03
CA ALA B 89 8.07 -10.12 -5.00
C ALA B 89 7.15 -9.15 -5.73
N LEU B 90 7.47 -7.87 -5.63
CA LEU B 90 6.90 -6.87 -6.52
C LEU B 90 7.73 -6.81 -7.80
N TYR B 91 7.10 -7.03 -8.95
CA TYR B 91 7.78 -6.97 -10.25
C TYR B 91 7.42 -5.68 -10.95
N LEU B 92 8.43 -4.85 -11.23
CA LEU B 92 8.23 -3.48 -11.69
C LEU B 92 8.79 -3.33 -13.10
N CYS B 93 7.94 -2.90 -14.02
CA CYS B 93 8.35 -2.57 -15.38
C CYS B 93 8.62 -1.07 -15.47
N ALA B 94 9.59 -0.70 -16.31
CA ALA B 94 9.84 0.72 -16.54
C ALA B 94 10.28 0.95 -17.97
N SER B 95 10.26 2.21 -18.37
CA SER B 95 10.81 2.57 -19.68
C SER B 95 11.57 3.88 -19.54
N SER B 96 12.53 4.07 -20.44
CA SER B 96 13.34 5.27 -20.42
C SER B 96 13.46 5.79 -21.84
N PRO B 97 13.33 7.11 -22.02
CA PRO B 97 13.43 7.67 -23.38
C PRO B 97 14.81 7.57 -23.98
N LEU B 98 15.86 7.67 -23.16
CA LEU B 98 17.26 7.62 -23.59
C LEU B 98 17.67 8.84 -24.40
N GLY B 99 16.84 9.23 -25.36
CA GLY B 99 17.21 10.27 -26.31
C GLY B 99 17.82 9.68 -27.57
N ARG B 100 18.60 10.50 -28.25
CA ARG B 100 19.28 10.00 -29.44
C ARG B 100 20.73 9.59 -29.18
N GLU B 101 21.36 10.12 -28.13
CA GLU B 101 22.68 9.67 -27.72
C GLU B 101 22.68 9.07 -26.32
N GLY B 102 21.51 8.64 -25.85
CA GLY B 102 21.43 7.80 -24.66
C GLY B 102 21.70 8.48 -23.33
N LEU B 103 21.52 9.80 -23.26
CA LEU B 103 21.75 10.54 -22.01
C LEU B 103 20.51 10.62 -21.13
N ASN B 104 19.31 10.46 -21.68
CA ASN B 104 18.07 10.72 -20.95
C ASN B 104 17.64 9.42 -20.27
N THR B 105 18.31 9.09 -19.16
CA THR B 105 18.17 7.80 -18.52
C THR B 105 17.14 7.77 -17.39
N GLU B 106 16.37 8.85 -17.20
CA GLU B 106 15.30 8.78 -16.21
C GLU B 106 14.32 7.67 -16.60
N ALA B 107 13.77 7.03 -15.59
CA ALA B 107 12.90 5.87 -15.80
C ALA B 107 11.49 6.17 -15.32
N PHE B 108 10.51 5.78 -16.14
CA PHE B 108 9.10 5.88 -15.81
C PHE B 108 8.58 4.48 -15.50
N PHE B 109 7.97 4.32 -14.33
CA PHE B 109 7.55 3.00 -13.88
C PHE B 109 6.06 2.78 -14.05
N GLY B 110 5.70 1.51 -14.27
CA GLY B 110 4.32 1.07 -14.18
C GLY B 110 3.93 0.77 -12.75
N GLN B 111 2.69 0.31 -12.60
CA GLN B 111 2.11 0.09 -11.28
C GLN B 111 2.67 -1.13 -10.57
N GLY B 112 3.39 -1.99 -11.27
CA GLY B 112 3.96 -3.18 -10.68
C GLY B 112 2.98 -4.34 -10.62
N THR B 113 3.54 -5.54 -10.52
CA THR B 113 2.76 -6.76 -10.23
C THR B 113 3.23 -7.30 -8.89
N ARG B 114 2.31 -7.34 -7.93
CA ARG B 114 2.58 -8.00 -6.66
C ARG B 114 2.32 -9.48 -6.86
N LEU B 115 3.38 -10.28 -6.86
CA LEU B 115 3.29 -11.70 -7.17
C LEU B 115 3.56 -12.52 -5.92
N THR B 116 2.66 -13.45 -5.60
CA THR B 116 2.96 -14.47 -4.60
C THR B 116 2.95 -15.83 -5.29
N VAL B 117 4.01 -16.59 -5.09
CA VAL B 117 4.08 -17.97 -5.56
C VAL B 117 3.80 -18.87 -4.36
N VAL B 118 2.75 -19.67 -4.46
CA VAL B 118 2.29 -20.52 -3.37
C VAL B 118 2.69 -21.96 -3.66
N GLU B 119 3.35 -22.59 -2.70
CA GLU B 119 3.72 -24.00 -2.85
C GLU B 119 2.51 -24.91 -2.75
N ASP B 120 1.63 -24.64 -1.78
CA ASP B 120 0.45 -25.46 -1.53
C ASP B 120 -0.80 -24.62 -1.77
N LEU B 121 -1.46 -24.86 -2.91
CA LEU B 121 -2.62 -24.05 -3.28
C LEU B 121 -3.80 -24.24 -2.33
N ASN B 122 -3.79 -25.31 -1.53
CA ASN B 122 -4.79 -25.53 -0.49
C ASN B 122 -4.69 -24.54 0.65
N LYS B 123 -3.65 -23.72 0.69
CA LYS B 123 -3.56 -22.66 1.68
C LYS B 123 -4.23 -21.37 1.25
N VAL B 124 -4.71 -21.30 0.00
CA VAL B 124 -5.31 -20.06 -0.51
C VAL B 124 -6.76 -19.97 -0.06
N PHE B 125 -7.13 -18.83 0.53
CA PHE B 125 -8.47 -18.58 1.07
C PHE B 125 -8.91 -17.16 0.72
N PRO B 126 -10.12 -16.97 0.21
CA PRO B 126 -10.65 -15.62 0.02
C PRO B 126 -11.07 -15.02 1.36
N PRO B 127 -11.26 -13.71 1.42
CA PRO B 127 -11.72 -13.10 2.67
C PRO B 127 -13.20 -13.30 2.95
N GLU B 128 -13.52 -13.32 4.24
CA GLU B 128 -14.85 -12.98 4.72
C GLU B 128 -14.91 -11.47 4.92
N VAL B 129 -16.04 -10.87 4.59
CA VAL B 129 -16.17 -9.41 4.63
C VAL B 129 -17.41 -9.07 5.45
N ALA B 130 -17.27 -8.10 6.38
CA ALA B 130 -18.39 -7.67 7.19
C ALA B 130 -18.32 -6.17 7.40
N VAL B 131 -19.48 -5.52 7.47
CA VAL B 131 -19.54 -4.08 7.71
CA VAL B 131 -19.55 -4.08 7.71
C VAL B 131 -20.24 -3.84 9.05
N PHE B 132 -19.72 -2.89 9.81
CA PHE B 132 -20.23 -2.58 11.14
C PHE B 132 -20.72 -1.14 11.16
N GLU B 133 -21.92 -0.95 11.70
CA GLU B 133 -22.59 0.36 11.65
C GLU B 133 -22.01 1.30 12.68
N PRO B 134 -22.13 2.60 12.43
CA PRO B 134 -21.55 3.60 13.34
C PRO B 134 -22.13 3.52 14.74
N SER B 135 -21.31 3.94 15.70
CA SER B 135 -21.73 4.12 17.08
C SER B 135 -22.68 5.32 17.21
N GLU B 136 -23.83 5.12 17.86
CA GLU B 136 -24.71 6.25 18.14
C GLU B 136 -24.05 7.26 19.04
N ALA B 137 -23.13 6.80 19.90
CA ALA B 137 -22.44 7.74 20.79
C ALA B 137 -21.48 8.63 20.01
N GLU B 138 -20.81 8.08 18.99
CA GLU B 138 -19.99 8.93 18.13
C GLU B 138 -20.84 10.00 17.45
N ILE B 139 -22.00 9.61 16.94
CA ILE B 139 -22.89 10.55 16.30
C ILE B 139 -23.28 11.67 17.28
N SER B 140 -23.63 11.31 18.52
CA SER B 140 -24.06 12.32 19.49
CA SER B 140 -24.05 12.32 19.48
C SER B 140 -22.93 13.28 19.85
N HIS B 141 -21.70 12.78 19.90
CA HIS B 141 -20.57 13.58 20.36
C HIS B 141 -19.98 14.43 19.23
N THR B 142 -20.03 13.95 17.99
CA THR B 142 -19.27 14.55 16.89
C THR B 142 -20.12 14.93 15.68
N GLN B 143 -21.36 14.48 15.59
CA GLN B 143 -22.20 14.62 14.38
C GLN B 143 -21.53 13.99 13.15
N LYS B 144 -20.64 13.02 13.38
CA LYS B 144 -20.00 12.26 12.32
C LYS B 144 -20.25 10.78 12.59
N ALA B 145 -20.12 9.97 11.54
CA ALA B 145 -20.47 8.56 11.64
C ALA B 145 -19.41 7.76 10.92
N THR B 146 -18.70 6.89 11.66
CA THR B 146 -17.64 6.06 11.08
C THR B 146 -18.17 4.63 10.90
N LEU B 147 -18.25 4.18 9.66
CA LEU B 147 -18.50 2.76 9.37
C LEU B 147 -17.17 2.03 9.28
N VAL B 148 -17.17 0.75 9.63
CA VAL B 148 -15.95 -0.08 9.56
C VAL B 148 -16.23 -1.31 8.72
N CYS B 149 -15.30 -1.64 7.83
CA CYS B 149 -15.35 -2.87 7.06
C CYS B 149 -14.18 -3.72 7.50
N LEU B 150 -14.42 -5.01 7.75
CA LEU B 150 -13.36 -5.93 8.10
C LEU B 150 -13.33 -7.02 7.05
N ALA B 151 -12.16 -7.27 6.50
CA ALA B 151 -11.92 -8.39 5.60
C ALA B 151 -10.98 -9.32 6.34
N THR B 152 -11.39 -10.57 6.53
CA THR B 152 -10.63 -11.44 7.43
C THR B 152 -10.44 -12.81 6.83
N GLY B 153 -9.40 -13.49 7.31
CA GLY B 153 -9.16 -14.88 6.96
C GLY B 153 -8.63 -15.13 5.55
N PHE B 154 -8.03 -14.15 4.91
CA PHE B 154 -7.61 -14.36 3.52
C PHE B 154 -6.12 -14.71 3.41
N TYR B 155 -5.79 -15.45 2.36
CA TYR B 155 -4.40 -15.81 2.11
C TYR B 155 -4.24 -16.14 0.64
N PRO B 156 -3.19 -15.63 -0.03
CA PRO B 156 -2.16 -14.70 0.44
C PRO B 156 -2.70 -13.28 0.55
N ASP B 157 -1.80 -12.30 0.71
CA ASP B 157 -2.20 -10.91 0.96
C ASP B 157 -2.29 -10.17 -0.37
N HIS B 158 -3.39 -10.39 -1.08
CA HIS B 158 -3.68 -9.68 -2.34
C HIS B 158 -5.15 -9.32 -2.33
N VAL B 159 -5.50 -8.18 -1.74
CA VAL B 159 -6.86 -7.68 -1.69
C VAL B 159 -6.87 -6.21 -2.05
N GLU B 160 -7.96 -5.76 -2.66
N GLU B 160 -7.97 -5.78 -2.68
CA GLU B 160 -8.21 -4.35 -2.92
CA GLU B 160 -8.25 -4.37 -2.96
C GLU B 160 -9.61 -4.02 -2.43
C GLU B 160 -9.63 -4.06 -2.41
N LEU B 161 -9.70 -3.15 -1.43
CA LEU B 161 -10.95 -2.85 -0.76
C LEU B 161 -11.48 -1.51 -1.25
N SER B 162 -12.78 -1.44 -1.53
CA SER B 162 -13.39 -0.19 -1.93
C SER B 162 -14.76 -0.03 -1.28
N TRP B 163 -15.16 1.23 -1.09
CA TRP B 163 -16.50 1.53 -0.59
C TRP B 163 -17.37 2.07 -1.71
N TRP B 164 -18.62 1.62 -1.72
CA TRP B 164 -19.58 1.97 -2.76
C TRP B 164 -20.83 2.44 -2.05
N VAL B 165 -21.25 3.67 -2.33
CA VAL B 165 -22.40 4.27 -1.65
C VAL B 165 -23.46 4.52 -2.72
N ASN B 166 -24.61 3.86 -2.57
CA ASN B 166 -25.70 3.97 -3.56
C ASN B 166 -25.18 3.76 -4.97
N GLY B 167 -24.34 2.74 -5.13
CA GLY B 167 -23.91 2.30 -6.44
C GLY B 167 -22.72 3.04 -7.04
N LYS B 168 -22.06 3.91 -6.31
CA LYS B 168 -20.91 4.57 -6.89
C LYS B 168 -19.74 4.55 -5.91
N GLU B 169 -18.53 4.38 -6.43
CA GLU B 169 -17.38 4.23 -5.54
C GLU B 169 -17.04 5.57 -4.89
N VAL B 170 -16.68 5.51 -3.60
CA VAL B 170 -16.36 6.69 -2.81
C VAL B 170 -14.92 6.58 -2.31
N HIS B 171 -14.14 7.66 -2.48
CA HIS B 171 -12.80 7.76 -1.89
C HIS B 171 -12.71 8.79 -0.77
N SER B 172 -13.47 9.87 -0.87
CA SER B 172 -13.46 10.88 0.17
C SER B 172 -13.97 10.31 1.49
N GLY B 173 -13.23 10.55 2.57
CA GLY B 173 -13.63 10.08 3.88
C GLY B 173 -13.33 8.63 4.15
N VAL B 174 -12.48 7.99 3.33
CA VAL B 174 -12.10 6.59 3.48
C VAL B 174 -10.66 6.49 3.94
N CYS B 175 -10.40 5.60 4.90
CA CYS B 175 -9.03 5.22 5.24
C CYS B 175 -8.94 3.71 5.36
N THR B 176 -8.12 3.09 4.52
CA THR B 176 -7.90 1.66 4.56
C THR B 176 -6.50 1.38 5.09
N ASP B 177 -6.38 0.38 5.97
CA ASP B 177 -5.10 0.09 6.59
C ASP B 177 -4.02 -0.03 5.51
N PRO B 178 -2.86 0.63 5.69
CA PRO B 178 -1.76 0.40 4.72
C PRO B 178 -1.27 -1.02 4.71
N GLN B 179 -1.25 -1.70 5.86
CA GLN B 179 -0.76 -3.06 5.98
C GLN B 179 -1.83 -3.95 6.58
N PRO B 180 -1.93 -5.19 6.14
CA PRO B 180 -2.81 -6.15 6.81
C PRO B 180 -2.18 -6.66 8.09
N LEU B 181 -3.03 -7.18 8.96
CA LEU B 181 -2.60 -7.89 10.16
C LEU B 181 -2.46 -9.36 9.83
N LYS B 182 -1.41 -9.99 10.37
CA LYS B 182 -1.36 -11.44 10.41
C LYS B 182 -2.25 -11.91 11.55
N GLU B 183 -3.22 -12.78 11.23
CA GLU B 183 -4.11 -13.30 12.25
C GLU B 183 -3.38 -14.20 13.24
N GLN B 184 -2.26 -14.81 12.83
CA GLN B 184 -1.41 -15.57 13.73
C GLN B 184 0.02 -15.16 13.43
N PRO B 185 0.50 -14.09 14.07
CA PRO B 185 1.77 -13.47 13.63
C PRO B 185 2.98 -14.38 13.78
N ALA B 186 2.84 -15.55 14.37
CA ALA B 186 3.96 -16.45 14.60
C ALA B 186 4.01 -17.62 13.62
N LEU B 187 3.19 -17.60 12.57
CA LEU B 187 3.22 -18.64 11.55
C LEU B 187 3.53 -18.03 10.19
N ASN B 188 4.34 -18.75 9.42
CA ASN B 188 4.79 -18.26 8.12
C ASN B 188 3.64 -18.18 7.13
N ASP B 189 2.66 -19.05 7.25
CA ASP B 189 1.52 -19.13 6.33
C ASP B 189 0.24 -18.59 6.97
N SER B 190 0.38 -17.63 7.88
CA SER B 190 -0.78 -17.06 8.56
C SER B 190 -1.71 -16.40 7.55
N ARG B 191 -3.01 -16.50 7.82
CA ARG B 191 -3.99 -15.73 7.10
C ARG B 191 -3.98 -14.29 7.59
N TYR B 192 -4.64 -13.41 6.84
CA TYR B 192 -4.52 -11.98 7.01
C TYR B 192 -5.87 -11.34 7.31
N ALA B 193 -5.81 -10.15 7.91
CA ALA B 193 -7.00 -9.34 8.10
C ALA B 193 -6.69 -7.90 7.72
N LEU B 194 -7.71 -7.18 7.25
CA LEU B 194 -7.57 -5.78 6.84
C LEU B 194 -8.82 -5.04 7.28
N SER B 195 -8.65 -3.80 7.77
CA SER B 195 -9.79 -2.97 8.09
C SER B 195 -9.79 -1.69 7.27
N SER B 196 -10.98 -1.11 7.14
CA SER B 196 -11.18 0.16 6.47
C SER B 196 -12.26 0.94 7.19
N ARG B 197 -12.13 2.26 7.17
CA ARG B 197 -13.14 3.16 7.74
C ARG B 197 -13.69 4.05 6.63
N LEU B 198 -14.99 4.30 6.69
CA LEU B 198 -15.66 5.33 5.89
C LEU B 198 -16.37 6.23 6.89
N ARG B 199 -16.01 7.52 6.89
CA ARG B 199 -16.60 8.46 7.84
C ARG B 199 -17.38 9.52 7.08
N VAL B 200 -18.66 9.67 7.44
CA VAL B 200 -19.57 10.58 6.76
C VAL B 200 -20.27 11.43 7.82
N SER B 201 -20.91 12.49 7.38
CA SER B 201 -21.71 13.26 8.32
C SER B 201 -22.85 12.38 8.84
N ALA B 202 -23.25 12.63 10.09
CA ALA B 202 -24.34 11.87 10.68
C ALA B 202 -25.61 11.94 9.84
N THR B 203 -25.88 13.11 9.22
CA THR B 203 -27.07 13.26 8.41
CA THR B 203 -27.06 13.29 8.38
C THR B 203 -27.06 12.33 7.21
N PHE B 204 -25.89 12.02 6.67
CA PHE B 204 -25.82 11.09 5.54
C PHE B 204 -26.06 9.66 6.00
N TRP B 205 -25.47 9.27 7.13
CA TRP B 205 -25.70 7.94 7.65
C TRP B 205 -27.15 7.74 8.09
N GLN B 206 -27.78 8.77 8.65
CA GLN B 206 -29.10 8.58 9.26
C GLN B 206 -30.21 8.69 8.22
N ASN B 207 -30.12 7.88 7.18
CA ASN B 207 -31.06 7.90 6.07
C ASN B 207 -31.17 6.48 5.60
N PRO B 208 -32.30 5.82 5.87
CA PRO B 208 -32.42 4.38 5.55
C PRO B 208 -32.39 4.10 4.07
N ARG B 209 -32.56 5.13 3.22
CA ARG B 209 -32.45 4.94 1.78
C ARG B 209 -31.01 4.99 1.28
N ASN B 210 -30.05 5.31 2.13
CA ASN B 210 -28.64 5.28 1.73
C ASN B 210 -28.04 3.92 2.04
N HIS B 211 -27.44 3.29 1.03
CA HIS B 211 -26.89 1.95 1.14
C HIS B 211 -25.37 2.01 1.01
N PHE B 212 -24.67 1.34 1.92
CA PHE B 212 -23.22 1.40 2.03
C PHE B 212 -22.66 0.02 1.81
N ARG B 213 -21.80 -0.14 0.82
CA ARG B 213 -21.26 -1.45 0.50
C ARG B 213 -19.74 -1.40 0.57
N CYS B 214 -19.16 -2.38 1.26
CA CYS B 214 -17.72 -2.61 1.25
C CYS B 214 -17.48 -3.78 0.31
N GLN B 215 -16.61 -3.60 -0.68
CA GLN B 215 -16.35 -4.74 -1.58
C GLN B 215 -14.85 -4.98 -1.66
N VAL B 216 -14.47 -6.25 -1.63
CA VAL B 216 -13.06 -6.60 -1.59
C VAL B 216 -12.78 -7.46 -2.80
N GLN B 217 -11.90 -6.97 -3.68
CA GLN B 217 -11.37 -7.79 -4.77
C GLN B 217 -10.23 -8.62 -4.21
N PHE B 218 -10.39 -9.94 -4.26
CA PHE B 218 -9.38 -10.90 -3.85
C PHE B 218 -8.75 -11.50 -5.11
N TYR B 219 -7.43 -11.62 -5.10
CA TYR B 219 -6.71 -12.26 -6.19
C TYR B 219 -6.29 -13.64 -5.72
N GLY B 220 -6.78 -14.66 -6.43
CA GLY B 220 -6.46 -16.02 -6.05
C GLY B 220 -6.19 -16.88 -7.27
N LEU B 221 -6.81 -18.05 -7.32
CA LEU B 221 -6.52 -19.01 -8.37
C LEU B 221 -7.22 -18.61 -9.67
N SER B 222 -6.62 -19.02 -10.78
CA SER B 222 -7.21 -18.78 -12.09
C SER B 222 -7.79 -20.07 -12.63
N GLU B 223 -8.40 -19.99 -13.81
CA GLU B 223 -9.08 -21.15 -14.36
C GLU B 223 -8.10 -22.25 -14.78
N ASN B 224 -6.86 -21.89 -15.10
CA ASN B 224 -5.85 -22.88 -15.44
C ASN B 224 -5.17 -23.49 -14.22
N ASP B 225 -5.59 -23.11 -13.00
CA ASP B 225 -5.12 -23.75 -11.78
C ASP B 225 -6.05 -24.92 -11.45
N GLU B 226 -5.48 -26.11 -11.26
CA GLU B 226 -6.30 -27.27 -10.95
C GLU B 226 -6.78 -27.21 -9.49
N TRP B 227 -8.00 -27.69 -9.25
CA TRP B 227 -8.55 -27.73 -7.91
C TRP B 227 -9.26 -29.05 -7.69
N THR B 228 -8.88 -29.77 -6.65
CA THR B 228 -9.47 -31.07 -6.34
C THR B 228 -10.05 -31.17 -4.94
N GLN B 229 -10.07 -30.08 -4.16
CA GLN B 229 -10.60 -30.12 -2.82
C GLN B 229 -12.13 -30.06 -2.84
N ASP B 230 -12.73 -30.44 -1.70
CA ASP B 230 -14.18 -30.36 -1.58
C ASP B 230 -14.67 -28.91 -1.45
N ARG B 231 -13.95 -28.06 -0.72
CA ARG B 231 -14.39 -26.68 -0.60
C ARG B 231 -14.27 -25.94 -1.94
N ALA B 232 -14.98 -24.82 -2.04
CA ALA B 232 -15.06 -24.09 -3.30
C ALA B 232 -13.68 -23.59 -3.71
N LYS B 233 -13.39 -23.67 -5.01
CA LYS B 233 -12.10 -23.19 -5.51
C LYS B 233 -11.90 -21.73 -5.17
N PRO B 234 -10.78 -21.36 -4.54
CA PRO B 234 -10.54 -19.96 -4.10
C PRO B 234 -10.03 -19.09 -5.25
N VAL B 235 -10.93 -18.88 -6.22
CA VAL B 235 -10.63 -18.08 -7.40
C VAL B 235 -10.57 -16.60 -7.05
N THR B 236 -9.87 -15.85 -7.91
CA THR B 236 -10.00 -14.40 -7.94
C THR B 236 -11.49 -14.04 -7.98
N GLN B 237 -11.91 -13.13 -7.09
CA GLN B 237 -13.34 -12.91 -6.89
C GLN B 237 -13.53 -11.65 -6.06
N ILE B 238 -14.74 -11.10 -6.13
CA ILE B 238 -15.18 -10.01 -5.28
C ILE B 238 -16.00 -10.60 -4.15
N VAL B 239 -15.76 -10.14 -2.92
CA VAL B 239 -16.56 -10.50 -1.75
C VAL B 239 -17.13 -9.21 -1.17
N SER B 240 -18.44 -9.18 -0.91
CA SER B 240 -19.15 -7.95 -0.58
C SER B 240 -19.87 -8.04 0.76
N ALA B 241 -20.05 -6.88 1.40
CA ALA B 241 -20.99 -6.77 2.52
C ALA B 241 -21.62 -5.39 2.46
N GLU B 242 -22.82 -5.27 3.04
CA GLU B 242 -23.62 -4.05 2.88
C GLU B 242 -24.38 -3.73 4.14
N ALA B 243 -24.48 -2.43 4.46
CA ALA B 243 -25.32 -1.92 5.55
C ALA B 243 -26.18 -0.78 5.01
N TRP B 244 -27.41 -0.66 5.51
CA TRP B 244 -28.28 0.44 5.15
C TRP B 244 -28.32 1.45 6.30
N GLY B 245 -28.49 2.73 5.95
CA GLY B 245 -28.55 3.77 6.96
C GLY B 245 -29.68 3.54 7.95
N ARG B 246 -29.58 4.24 9.07
CA ARG B 246 -30.46 4.00 10.21
C ARG B 246 -30.93 5.35 10.72
N ALA B 247 -32.25 5.58 10.65
CA ALA B 247 -32.80 6.87 11.03
C ALA B 247 -32.64 7.13 12.52
N ASP B 248 -32.53 8.41 12.88
CA ASP B 248 -32.35 8.81 14.27
C ASP B 248 -33.56 8.43 15.13
#